data_6OL9
#
_entry.id   6OL9
#
_cell.length_a   97.060
_cell.length_b   63.310
_cell.length_c   91.620
_cell.angle_alpha   90.000
_cell.angle_beta   102.110
_cell.angle_gamma   90.000
#
_symmetry.space_group_name_H-M   'C 1 2 1'
#
loop_
_entity.id
_entity.type
_entity.pdbx_description
1 polymer 'Muscarinic acetylcholine receptor M5, T4 Lysozyme fusion'
2 non-polymer 'OLEIC ACID'
3 non-polymer (1R,2R,4S,5S,7S)-7-{[hydroxy(dithiophen-2-yl)acetyl]oxy}-9,9-dimethyl-3-oxa-9-azoniatricyclo[3.3.1.0~2,4~]nonane
4 non-polymer 3,6,9,12,15,18-HEXAOXAICOSANE-1,20-DIOL
5 non-polymer '(2R)-2,3-dihydroxypropyl (9Z)-octadec-9-enoate'
6 water water
#
_entity_poly.entity_id   1
_entity_poly.type   'polypeptide(L)'
_entity_poly.pdbx_seq_one_letter_code
;GAPLERHRLWEVITIAAVTAVVSLITIVGNVLVMISFKVNSQLKTVNNYYLLSLACADLIIGIFSMNLYTTYILMGRWAL
GSLACDLWLALDYVASNARVMNLLVISFDRYFSITRPLTYRAKRTPKRAGIMIGLAWLISFILWAPAILCWQYLVGKRTV
PLDECQIQFLSEPTITFGTAIAAFYIPVSVMTILYCRIYRETEKRTNIFEMLRIDEGLRLKIYKDTEGYYTIGIGHLLTK
SPSLNAAKSELDKAIGRNCNGVITKDEAEKLFNQDVDAAVRGILRNAKLKPVYDSLDAVRRAALINMVFQMGETGVAGFT
NSLRMLQQKRWDEAAVNLAKSRWYNQTPNRAKRVITTFRTGTWDAYRVVLVKERKAAQTLSAILLAFIITWTPYNIMVLV
STFCDKCVPVTLWHLGYWLCYVNSTVNPICYALCNRTFRKTFKMLLLCRWKKKKVEEKLYWQGNSKLPSSHHHHHHHHHH
;
_entity_poly.pdbx_strand_id   A
#
# COMPACT_ATOMS: atom_id res chain seq x y z
N ARG A 8 25.77 -35.50 -10.84
CA ARG A 8 24.62 -34.78 -11.37
C ARG A 8 23.32 -35.28 -10.75
N LEU A 9 23.25 -36.58 -10.50
CA LEU A 9 22.06 -37.18 -9.90
C LEU A 9 21.83 -36.67 -8.49
N TRP A 10 22.90 -36.65 -7.69
CA TRP A 10 22.88 -36.05 -6.35
C TRP A 10 22.37 -34.62 -6.43
N GLU A 11 22.86 -33.86 -7.42
CA GLU A 11 22.42 -32.48 -7.62
C GLU A 11 20.93 -32.42 -7.93
N VAL A 12 20.44 -33.31 -8.80
CA VAL A 12 19.03 -33.33 -9.18
C VAL A 12 18.16 -33.62 -7.96
N ILE A 13 18.55 -34.60 -7.15
CA ILE A 13 17.80 -34.94 -5.94
C ILE A 13 17.77 -33.76 -4.97
N THR A 14 18.92 -33.12 -4.76
CA THR A 14 19.01 -31.99 -3.84
C THR A 14 18.14 -30.82 -4.29
N ILE A 15 18.24 -30.47 -5.57
CA ILE A 15 17.45 -29.36 -6.11
C ILE A 15 15.96 -29.67 -6.04
N ALA A 16 15.57 -30.89 -6.40
CA ALA A 16 14.17 -31.29 -6.33
C ALA A 16 13.63 -31.22 -4.90
N ALA A 17 14.42 -31.71 -3.93
CA ALA A 17 13.97 -31.69 -2.54
C ALA A 17 13.82 -30.27 -2.01
N VAL A 18 14.83 -29.42 -2.25
CA VAL A 18 14.80 -28.04 -1.76
C VAL A 18 13.63 -27.27 -2.38
N THR A 19 13.42 -27.44 -3.69
CA THR A 19 12.35 -26.70 -4.35
C THR A 19 10.97 -27.25 -3.97
N ALA A 20 10.85 -28.55 -3.74
CA ALA A 20 9.59 -29.10 -3.23
C ALA A 20 9.28 -28.53 -1.85
N VAL A 21 10.29 -28.42 -0.99
CA VAL A 21 10.08 -27.83 0.34
C VAL A 21 9.65 -26.37 0.21
N VAL A 22 10.31 -25.62 -0.66
CA VAL A 22 9.99 -24.20 -0.83
C VAL A 22 8.58 -24.03 -1.41
N SER A 23 8.21 -24.90 -2.35
CA SER A 23 6.87 -24.85 -2.93
C SER A 23 5.80 -25.17 -1.89
N LEU A 24 6.05 -26.19 -1.05
CA LEU A 24 5.11 -26.52 0.02
C LEU A 24 4.98 -25.37 1.01
N ILE A 25 6.10 -24.72 1.35
CA ILE A 25 6.05 -23.59 2.28
C ILE A 25 5.23 -22.44 1.69
N THR A 26 5.43 -22.16 0.39
CA THR A 26 4.66 -21.12 -0.29
C THR A 26 3.17 -21.45 -0.27
N ILE A 27 2.80 -22.68 -0.64
CA ILE A 27 1.39 -23.08 -0.68
C ILE A 27 0.76 -22.96 0.70
N VAL A 28 1.42 -23.53 1.72
CA VAL A 28 0.88 -23.54 3.07
C VAL A 28 0.73 -22.11 3.60
N GLY A 29 1.72 -21.25 3.32
CA GLY A 29 1.66 -19.87 3.79
C GLY A 29 0.50 -19.09 3.19
N ASN A 30 0.35 -19.17 1.86
CA ASN A 30 -0.72 -18.38 1.24
C ASN A 30 -2.10 -18.97 1.51
N VAL A 31 -2.19 -20.30 1.70
CA VAL A 31 -3.45 -20.89 2.15
C VAL A 31 -3.76 -20.42 3.56
N LEU A 32 -2.75 -20.29 4.42
CA LEU A 32 -2.95 -19.75 5.76
C LEU A 32 -3.46 -18.31 5.71
N VAL A 33 -2.92 -17.51 4.78
CA VAL A 33 -3.38 -16.15 4.59
C VAL A 33 -4.86 -16.14 4.21
N MET A 34 -5.25 -17.01 3.26
CA MET A 34 -6.64 -17.05 2.82
C MET A 34 -7.58 -17.53 3.94
N ILE A 35 -7.19 -18.56 4.67
CA ILE A 35 -8.01 -19.08 5.76
C ILE A 35 -8.13 -18.05 6.88
N SER A 36 -7.05 -17.31 7.14
CA SER A 36 -7.08 -16.25 8.14
C SER A 36 -8.03 -15.14 7.74
N PHE A 37 -7.97 -14.73 6.47
CA PHE A 37 -8.91 -13.74 5.96
C PHE A 37 -10.35 -14.24 6.05
N LYS A 38 -10.55 -15.56 5.93
CA LYS A 38 -11.91 -16.09 5.93
C LYS A 38 -12.49 -16.25 7.33
N VAL A 39 -11.67 -16.61 8.33
CA VAL A 39 -12.19 -16.99 9.65
C VAL A 39 -11.95 -15.92 10.70
N ASN A 40 -11.42 -14.76 10.33
CA ASN A 40 -11.23 -13.66 11.27
C ASN A 40 -11.80 -12.40 10.61
N SER A 41 -12.99 -11.99 11.07
CA SER A 41 -13.66 -10.81 10.52
C SER A 41 -12.85 -9.53 10.75
N GLN A 42 -12.01 -9.51 11.80
CA GLN A 42 -11.15 -8.35 12.06
C GLN A 42 -10.11 -8.13 10.96
N LEU A 43 -9.86 -9.13 10.12
CA LEU A 43 -8.93 -9.00 9.00
C LEU A 43 -9.60 -8.56 7.71
N LYS A 44 -10.94 -8.55 7.67
CA LYS A 44 -11.67 -8.19 6.44
C LYS A 44 -11.75 -6.66 6.32
N THR A 45 -10.60 -6.07 6.05
CA THR A 45 -10.47 -4.64 5.81
C THR A 45 -10.12 -4.39 4.34
N VAL A 46 -10.28 -3.13 3.92
CA VAL A 46 -10.00 -2.74 2.53
C VAL A 46 -8.54 -3.01 2.18
N ASN A 47 -7.62 -2.74 3.11
CA ASN A 47 -6.20 -2.98 2.89
C ASN A 47 -5.91 -4.44 2.57
N ASN A 48 -6.59 -5.35 3.27
CA ASN A 48 -6.26 -6.76 3.18
C ASN A 48 -6.85 -7.46 1.96
N TYR A 49 -7.80 -6.85 1.25
CA TYR A 49 -8.26 -7.41 0.00
C TYR A 49 -7.13 -7.43 -1.04
N TYR A 50 -6.31 -6.38 -1.04
CA TYR A 50 -5.13 -6.36 -1.90
C TYR A 50 -4.14 -7.45 -1.50
N LEU A 51 -3.96 -7.66 -0.19
CA LEU A 51 -3.11 -8.74 0.29
C LEU A 51 -3.64 -10.11 -0.13
N LEU A 52 -4.96 -10.24 -0.18
CA LEU A 52 -5.58 -11.47 -0.67
C LEU A 52 -5.28 -11.69 -2.15
N SER A 53 -5.38 -10.62 -2.95
CA SER A 53 -4.96 -10.67 -4.35
C SER A 53 -3.50 -11.13 -4.48
N LEU A 54 -2.62 -10.56 -3.66
CA LEU A 54 -1.22 -10.97 -3.64
C LEU A 54 -1.09 -12.45 -3.29
N ALA A 55 -1.85 -12.91 -2.31
CA ALA A 55 -1.81 -14.32 -1.92
C ALA A 55 -2.27 -15.23 -3.04
N CYS A 56 -3.24 -14.77 -3.85
CA CYS A 56 -3.65 -15.55 -5.02
C CYS A 56 -2.53 -15.69 -6.04
N ALA A 57 -1.87 -14.55 -6.35
CA ALA A 57 -0.72 -14.59 -7.25
C ALA A 57 0.38 -15.49 -6.71
N ASP A 58 0.63 -15.41 -5.40
CA ASP A 58 1.70 -16.19 -4.79
C ASP A 58 1.35 -17.68 -4.72
N LEU A 59 0.07 -18.01 -4.57
CA LEU A 59 -0.34 -19.41 -4.60
C LEU A 59 -0.20 -20.00 -5.98
N ILE A 60 -0.55 -19.20 -7.01
CA ILE A 60 -0.31 -19.62 -8.40
C ILE A 60 1.17 -19.91 -8.60
N ILE A 61 2.03 -19.00 -8.14
CA ILE A 61 3.48 -19.19 -8.26
C ILE A 61 3.92 -20.46 -7.53
N GLY A 62 3.36 -20.70 -6.33
CA GLY A 62 3.83 -21.82 -5.52
C GLY A 62 3.40 -23.18 -6.04
N ILE A 63 2.19 -23.26 -6.60
CA ILE A 63 1.69 -24.53 -7.10
C ILE A 63 2.28 -24.84 -8.47
N PHE A 64 2.06 -23.96 -9.44
CA PHE A 64 2.38 -24.25 -10.83
C PHE A 64 3.78 -23.79 -11.23
N SER A 65 4.10 -22.50 -10.99
CA SER A 65 5.31 -21.89 -11.54
C SER A 65 6.57 -22.58 -11.05
N MET A 66 6.67 -22.80 -9.72
CA MET A 66 7.86 -23.38 -9.14
C MET A 66 8.09 -24.80 -9.66
N ASN A 67 7.03 -25.62 -9.68
CA ASN A 67 7.18 -27.02 -10.04
C ASN A 67 7.49 -27.17 -11.53
N LEU A 68 6.79 -26.42 -12.39
CA LEU A 68 7.08 -26.46 -13.83
C LEU A 68 8.49 -25.98 -14.12
N TYR A 69 8.93 -24.90 -13.45
CA TYR A 69 10.28 -24.39 -13.71
C TYR A 69 11.35 -25.37 -13.25
N THR A 70 11.14 -26.00 -12.09
CA THR A 70 12.15 -26.92 -11.60
C THR A 70 12.20 -28.21 -12.42
N THR A 71 11.05 -28.69 -12.88
CA THR A 71 11.07 -29.83 -13.80
C THR A 71 11.77 -29.47 -15.10
N TYR A 72 11.55 -28.24 -15.58
CA TYR A 72 12.22 -27.81 -16.81
C TYR A 72 13.74 -27.77 -16.64
N ILE A 73 14.23 -27.20 -15.53
CA ILE A 73 15.68 -27.11 -15.36
C ILE A 73 16.29 -28.47 -15.02
N LEU A 74 15.55 -29.35 -14.34
CA LEU A 74 16.12 -30.65 -14.00
C LEU A 74 16.17 -31.58 -15.21
N MET A 75 15.15 -31.53 -16.08
CA MET A 75 15.19 -32.35 -17.28
C MET A 75 16.18 -31.82 -18.30
N GLY A 76 16.62 -30.57 -18.17
CA GLY A 76 17.53 -29.97 -19.13
C GLY A 76 16.89 -29.54 -20.43
N ARG A 77 15.59 -29.79 -20.60
CA ARG A 77 14.86 -29.36 -21.77
C ARG A 77 13.39 -29.27 -21.41
N TRP A 78 12.60 -28.78 -22.35
CA TRP A 78 11.15 -28.73 -22.21
C TRP A 78 10.55 -29.93 -22.96
N ALA A 79 9.91 -30.83 -22.22
CA ALA A 79 9.35 -32.05 -22.78
C ALA A 79 7.83 -32.10 -22.61
N LEU A 80 7.18 -30.95 -22.70
CA LEU A 80 5.72 -30.87 -22.54
C LEU A 80 5.01 -30.27 -23.74
N GLY A 81 5.71 -29.87 -24.78
CA GLY A 81 5.05 -29.29 -25.93
C GLY A 81 5.05 -27.78 -25.89
N SER A 82 5.06 -27.17 -27.09
CA SER A 82 5.15 -25.72 -27.22
C SER A 82 3.98 -25.00 -26.57
N LEU A 83 2.77 -25.54 -26.71
CA LEU A 83 1.59 -24.92 -26.12
C LEU A 83 1.67 -24.91 -24.60
N ALA A 84 2.18 -26.00 -24.01
CA ALA A 84 2.36 -26.05 -22.56
C ALA A 84 3.40 -25.04 -22.10
N CYS A 85 4.49 -24.91 -22.87
CA CYS A 85 5.52 -23.91 -22.57
C CYS A 85 4.93 -22.51 -22.60
N ASP A 86 4.14 -22.21 -23.63
CA ASP A 86 3.56 -20.87 -23.75
C ASP A 86 2.54 -20.61 -22.66
N LEU A 87 1.75 -21.62 -22.29
CA LEU A 87 0.78 -21.47 -21.20
C LEU A 87 1.47 -21.24 -19.87
N TRP A 88 2.55 -21.98 -19.60
CA TRP A 88 3.30 -21.79 -18.35
C TRP A 88 3.93 -20.40 -18.31
N LEU A 89 4.56 -19.97 -19.41
CA LEU A 89 5.16 -18.64 -19.47
C LEU A 89 4.11 -17.55 -19.30
N ALA A 90 2.93 -17.75 -19.90
CA ALA A 90 1.86 -16.76 -19.79
C ALA A 90 1.35 -16.66 -18.36
N LEU A 91 1.06 -17.81 -17.74
CA LEU A 91 0.67 -17.84 -16.32
C LEU A 91 1.72 -17.16 -15.45
N ASP A 92 2.99 -17.50 -15.67
CA ASP A 92 4.12 -16.94 -14.94
C ASP A 92 4.12 -15.42 -15.01
N TYR A 93 4.19 -14.88 -16.23
CA TYR A 93 4.39 -13.46 -16.43
C TYR A 93 3.13 -12.66 -16.05
N VAL A 94 1.94 -13.20 -16.34
CA VAL A 94 0.70 -12.52 -15.96
C VAL A 94 0.57 -12.44 -14.44
N ALA A 95 0.83 -13.56 -13.73
CA ALA A 95 0.69 -13.54 -12.27
C ALA A 95 1.72 -12.64 -11.62
N SER A 96 2.96 -12.64 -12.14
CA SER A 96 3.98 -11.81 -11.52
C SER A 96 3.77 -10.33 -11.83
N ASN A 97 3.34 -10.01 -13.06
CA ASN A 97 2.97 -8.64 -13.38
C ASN A 97 1.77 -8.20 -12.55
N ALA A 98 0.84 -9.12 -12.27
CA ALA A 98 -0.28 -8.83 -11.40
C ALA A 98 0.21 -8.50 -9.99
N ARG A 99 1.20 -9.24 -9.50
CA ARG A 99 1.81 -8.92 -8.21
C ARG A 99 2.42 -7.53 -8.21
N VAL A 100 3.13 -7.17 -9.28
CA VAL A 100 3.71 -5.82 -9.39
C VAL A 100 2.62 -4.76 -9.34
N MET A 101 1.55 -4.96 -10.12
CA MET A 101 0.45 -3.99 -10.17
C MET A 101 -0.25 -3.89 -8.82
N ASN A 102 -0.44 -5.03 -8.13
CA ASN A 102 -1.01 -5.02 -6.79
C ASN A 102 -0.14 -4.23 -5.82
N LEU A 103 1.18 -4.41 -5.88
CA LEU A 103 2.07 -3.63 -5.02
C LEU A 103 1.95 -2.14 -5.32
N LEU A 104 1.83 -1.79 -6.61
CA LEU A 104 1.66 -0.38 -6.98
C LEU A 104 0.36 0.18 -6.43
N VAL A 105 -0.74 -0.56 -6.54
CA VAL A 105 -2.03 -0.03 -6.07
C VAL A 105 -2.06 0.00 -4.54
N ILE A 106 -1.38 -0.93 -3.86
CA ILE A 106 -1.25 -0.85 -2.40
C ILE A 106 -0.51 0.43 -2.00
N SER A 107 0.59 0.71 -2.69
CA SER A 107 1.37 1.92 -2.42
C SER A 107 0.50 3.18 -2.59
N PHE A 108 -0.21 3.27 -3.72
CA PHE A 108 -1.04 4.45 -3.98
C PHE A 108 -2.21 4.54 -3.01
N ASP A 109 -2.79 3.39 -2.62
CA ASP A 109 -3.89 3.38 -1.67
C ASP A 109 -3.46 3.91 -0.32
N ARG A 110 -2.33 3.43 0.20
CA ARG A 110 -1.79 3.92 1.46
C ARG A 110 -1.46 5.41 1.37
N TYR A 111 -0.82 5.82 0.27
CA TYR A 111 -0.42 7.22 0.11
C TYR A 111 -1.61 8.16 0.08
N PHE A 112 -2.64 7.80 -0.69
CA PHE A 112 -3.81 8.66 -0.81
C PHE A 112 -4.65 8.63 0.46
N SER A 113 -4.64 7.50 1.18
CA SER A 113 -5.26 7.46 2.51
C SER A 113 -4.59 8.45 3.46
N ILE A 114 -3.27 8.57 3.38
CA ILE A 114 -2.57 9.51 4.25
C ILE A 114 -2.84 10.94 3.83
N THR A 115 -2.77 11.23 2.53
CA THR A 115 -2.75 12.61 2.06
C THR A 115 -4.10 13.19 1.65
N ARG A 116 -5.14 12.37 1.49
CA ARG A 116 -6.44 12.85 1.03
C ARG A 116 -7.55 12.21 1.85
N PRO A 117 -7.91 12.81 2.99
CA PRO A 117 -8.91 12.19 3.87
C PRO A 117 -10.33 12.29 3.38
N LEU A 118 -10.68 13.40 2.71
CA LEU A 118 -12.04 13.61 2.25
C LEU A 118 -12.28 13.02 0.86
N THR A 119 -11.34 13.25 -0.06
CA THR A 119 -11.54 12.83 -1.44
C THR A 119 -11.23 11.35 -1.63
N TYR A 120 -10.34 10.78 -0.82
CA TYR A 120 -9.98 9.37 -0.99
C TYR A 120 -10.32 8.52 0.23
N ARG A 121 -9.78 8.85 1.41
CA ARG A 121 -9.84 7.91 2.55
C ARG A 121 -11.26 7.65 3.02
N ALA A 122 -12.11 8.68 3.02
CA ALA A 122 -13.50 8.49 3.41
C ALA A 122 -14.31 7.71 2.39
N LYS A 123 -13.78 7.52 1.18
CA LYS A 123 -14.48 6.83 0.11
C LYS A 123 -14.03 5.39 -0.09
N ARG A 124 -13.02 4.93 0.67
CA ARG A 124 -12.46 3.59 0.48
C ARG A 124 -13.49 2.54 0.90
N THR A 125 -13.99 1.79 -0.07
CA THR A 125 -14.86 0.65 0.13
C THR A 125 -14.18 -0.59 -0.45
N PRO A 126 -14.58 -1.79 -0.02
CA PRO A 126 -14.02 -3.00 -0.65
C PRO A 126 -14.30 -3.11 -2.15
N LYS A 127 -15.37 -2.48 -2.65
CA LYS A 127 -15.67 -2.57 -4.07
C LYS A 127 -14.70 -1.74 -4.90
N ARG A 128 -14.34 -0.55 -4.43
CA ARG A 128 -13.29 0.25 -5.08
C ARG A 128 -11.98 -0.52 -5.13
N ALA A 129 -11.61 -1.15 -4.00
CA ALA A 129 -10.40 -1.96 -3.95
C ALA A 129 -10.48 -3.13 -4.93
N GLY A 130 -11.66 -3.74 -5.05
CA GLY A 130 -11.86 -4.82 -5.99
C GLY A 130 -11.77 -4.36 -7.43
N ILE A 131 -12.22 -3.14 -7.73
CA ILE A 131 -12.04 -2.56 -9.05
C ILE A 131 -10.55 -2.47 -9.37
N MET A 132 -9.78 -1.90 -8.43
CA MET A 132 -8.34 -1.74 -8.64
C MET A 132 -7.64 -3.09 -8.80
N ILE A 133 -8.03 -4.08 -7.98
CA ILE A 133 -7.46 -5.42 -8.06
C ILE A 133 -7.76 -6.07 -9.40
N GLY A 134 -9.03 -6.03 -9.81
CA GLY A 134 -9.42 -6.62 -11.08
C GLY A 134 -8.77 -5.92 -12.27
N LEU A 135 -8.57 -4.62 -12.18
CA LEU A 135 -7.86 -3.90 -13.23
C LEU A 135 -6.40 -4.34 -13.29
N ALA A 136 -5.77 -4.52 -12.12
CA ALA A 136 -4.41 -5.06 -12.08
C ALA A 136 -4.32 -6.39 -12.82
N TRP A 137 -5.19 -7.34 -12.46
CA TRP A 137 -5.17 -8.67 -13.09
C TRP A 137 -5.50 -8.60 -14.58
N LEU A 138 -6.50 -7.80 -14.96
CA LEU A 138 -6.94 -7.73 -16.34
C LEU A 138 -5.89 -7.08 -17.24
N ILE A 139 -5.24 -6.01 -16.76
CA ILE A 139 -4.21 -5.36 -17.55
C ILE A 139 -3.00 -6.27 -17.70
N SER A 140 -2.59 -6.94 -16.61
CA SER A 140 -1.52 -7.93 -16.68
C SER A 140 -1.82 -9.01 -17.72
N PHE A 141 -3.05 -9.53 -17.69
CA PHE A 141 -3.45 -10.57 -18.64
C PHE A 141 -3.38 -10.07 -20.08
N ILE A 142 -4.05 -8.95 -20.38
CA ILE A 142 -4.14 -8.49 -21.76
C ILE A 142 -2.81 -7.98 -22.27
N LEU A 143 -1.86 -7.66 -21.39
CA LEU A 143 -0.54 -7.29 -21.87
C LEU A 143 0.31 -8.53 -22.14
N TRP A 144 0.36 -9.47 -21.21
CA TRP A 144 1.35 -10.54 -21.33
C TRP A 144 0.85 -11.78 -22.05
N ALA A 145 -0.42 -12.19 -21.88
CA ALA A 145 -0.88 -13.39 -22.57
C ALA A 145 -0.91 -13.23 -24.09
N PRO A 146 -1.47 -12.16 -24.69
CA PRO A 146 -1.39 -12.04 -26.16
C PRO A 146 0.03 -11.99 -26.69
N ALA A 147 0.94 -11.25 -26.04
CA ALA A 147 2.33 -11.19 -26.48
C ALA A 147 2.95 -12.58 -26.53
N ILE A 148 2.96 -13.28 -25.39
CA ILE A 148 3.62 -14.58 -25.28
C ILE A 148 2.97 -15.61 -26.21
N LEU A 149 1.64 -15.53 -26.38
CA LEU A 149 0.94 -16.56 -27.14
C LEU A 149 0.88 -16.29 -28.64
N CYS A 150 1.01 -15.03 -29.07
CA CYS A 150 0.78 -14.71 -30.47
C CYS A 150 1.89 -13.86 -31.10
N TRP A 151 3.03 -13.68 -30.42
CA TRP A 151 4.14 -13.02 -31.09
C TRP A 151 4.70 -13.87 -32.24
N GLN A 152 4.64 -15.21 -32.10
CA GLN A 152 5.02 -16.09 -33.19
C GLN A 152 4.14 -15.85 -34.42
N TYR A 153 2.84 -15.62 -34.21
CA TYR A 153 1.93 -15.33 -35.30
C TYR A 153 2.12 -13.92 -35.83
N LEU A 154 2.52 -12.99 -34.96
CA LEU A 154 2.76 -11.61 -35.37
C LEU A 154 3.97 -11.53 -36.31
N VAL A 155 5.06 -12.21 -35.96
CA VAL A 155 6.25 -12.18 -36.81
C VAL A 155 6.12 -13.14 -37.99
N GLY A 156 5.26 -14.15 -37.89
CA GLY A 156 5.05 -15.07 -38.98
C GLY A 156 5.62 -16.44 -38.68
N LYS A 157 6.75 -16.47 -37.97
CA LYS A 157 7.44 -17.71 -37.66
C LYS A 157 7.69 -17.80 -36.16
N ARG A 158 7.84 -19.03 -35.68
CA ARG A 158 8.12 -19.32 -34.28
C ARG A 158 9.59 -19.70 -34.18
N THR A 159 10.41 -18.81 -33.62
CA THR A 159 11.85 -19.00 -33.56
C THR A 159 12.31 -19.53 -32.20
N VAL A 160 11.43 -20.21 -31.48
CA VAL A 160 11.79 -20.83 -30.21
C VAL A 160 12.30 -22.24 -30.48
N PRO A 161 13.48 -22.61 -29.98
CA PRO A 161 13.98 -23.98 -30.17
C PRO A 161 13.06 -25.00 -29.52
N LEU A 162 12.99 -26.18 -30.13
CA LEU A 162 12.05 -27.22 -29.70
C LEU A 162 12.32 -27.70 -28.28
N ASP A 163 13.58 -27.70 -27.87
CA ASP A 163 13.94 -28.19 -26.54
C ASP A 163 13.94 -27.10 -25.48
N GLU A 164 13.83 -25.83 -25.87
CA GLU A 164 13.85 -24.74 -24.92
C GLU A 164 12.48 -24.08 -24.82
N CYS A 165 12.29 -23.35 -23.73
CA CYS A 165 11.04 -22.66 -23.41
C CYS A 165 11.37 -21.24 -23.00
N GLN A 166 11.38 -20.32 -23.96
CA GLN A 166 11.68 -18.92 -23.68
C GLN A 166 10.73 -18.05 -24.49
N ILE A 167 10.58 -16.80 -24.05
CA ILE A 167 9.73 -15.84 -24.75
C ILE A 167 10.49 -15.31 -25.95
N GLN A 168 9.76 -15.11 -27.05
CA GLN A 168 10.37 -14.83 -28.35
C GLN A 168 11.07 -13.47 -28.35
N PHE A 169 10.33 -12.40 -28.08
CA PHE A 169 10.86 -11.05 -28.26
C PHE A 169 11.84 -10.63 -27.16
N LEU A 170 11.86 -11.33 -26.03
CA LEU A 170 12.73 -10.97 -24.92
C LEU A 170 14.16 -11.47 -25.10
N SER A 171 14.50 -12.03 -26.25
CA SER A 171 15.90 -12.41 -26.51
C SER A 171 16.75 -11.20 -26.85
N GLU A 172 16.18 -10.20 -27.50
CA GLU A 172 16.91 -8.98 -27.83
C GLU A 172 17.20 -8.20 -26.55
N PRO A 173 18.44 -7.73 -26.35
CA PRO A 173 18.76 -6.99 -25.12
C PRO A 173 18.04 -5.66 -24.98
N THR A 174 17.76 -4.95 -26.08
CA THR A 174 17.11 -3.65 -25.97
C THR A 174 15.64 -3.78 -25.58
N ILE A 175 14.94 -4.76 -26.16
CA ILE A 175 13.56 -5.00 -25.79
C ILE A 175 13.46 -5.47 -24.34
N THR A 176 14.39 -6.33 -23.92
CA THR A 176 14.42 -6.80 -22.54
C THR A 176 14.72 -5.66 -21.57
N PHE A 177 15.60 -4.74 -21.98
CA PHE A 177 15.92 -3.58 -21.17
C PHE A 177 14.72 -2.65 -21.03
N GLY A 178 14.03 -2.39 -22.14
CA GLY A 178 12.80 -1.60 -22.08
C GLY A 178 11.75 -2.24 -21.21
N THR A 179 11.62 -3.57 -21.27
CA THR A 179 10.66 -4.28 -20.43
C THR A 179 11.03 -4.14 -18.96
N ALA A 180 12.32 -4.24 -18.64
CA ALA A 180 12.77 -4.06 -17.26
C ALA A 180 12.51 -2.63 -16.76
N ILE A 181 12.75 -1.64 -17.61
CA ILE A 181 12.50 -0.25 -17.24
C ILE A 181 11.01 -0.03 -16.97
N ALA A 182 10.16 -0.36 -17.95
CA ALA A 182 8.74 -0.09 -17.83
C ALA A 182 8.03 -1.01 -16.84
N ALA A 183 8.61 -2.16 -16.50
CA ALA A 183 7.92 -3.18 -15.72
C ALA A 183 8.48 -3.39 -14.34
N PHE A 184 9.72 -2.97 -14.08
CA PHE A 184 10.32 -3.18 -12.77
C PHE A 184 10.92 -1.90 -12.23
N TYR A 185 11.77 -1.21 -13.00
CA TYR A 185 12.52 -0.08 -12.47
C TYR A 185 11.62 1.12 -12.21
N ILE A 186 10.71 1.43 -13.12
CA ILE A 186 9.77 2.53 -12.91
C ILE A 186 8.78 2.17 -11.81
N PRO A 187 8.17 0.95 -11.77
CA PRO A 187 7.34 0.62 -10.59
C PRO A 187 8.09 0.69 -9.26
N VAL A 188 9.35 0.23 -9.22
CA VAL A 188 10.09 0.24 -7.96
C VAL A 188 10.39 1.68 -7.53
N SER A 189 10.75 2.54 -8.49
CA SER A 189 10.96 3.95 -8.18
C SER A 189 9.68 4.61 -7.65
N VAL A 190 8.53 4.32 -8.28
CA VAL A 190 7.26 4.92 -7.84
C VAL A 190 6.92 4.46 -6.43
N MET A 191 7.02 3.15 -6.17
CA MET A 191 6.70 2.62 -4.85
C MET A 191 7.65 3.16 -3.78
N THR A 192 8.94 3.31 -4.12
CA THR A 192 9.90 3.84 -3.15
C THR A 192 9.59 5.30 -2.81
N ILE A 193 9.26 6.11 -3.81
CA ILE A 193 8.92 7.51 -3.55
C ILE A 193 7.65 7.60 -2.69
N LEU A 194 6.63 6.82 -3.04
CA LEU A 194 5.38 6.83 -2.26
C LEU A 194 5.62 6.37 -0.83
N TYR A 195 6.45 5.34 -0.65
CA TYR A 195 6.71 4.85 0.71
C TYR A 195 7.54 5.86 1.49
N CYS A 196 8.47 6.55 0.84
CA CYS A 196 9.22 7.59 1.52
C CYS A 196 8.30 8.69 2.04
N ARG A 197 7.30 9.08 1.26
CA ARG A 197 6.33 10.07 1.73
C ARG A 197 5.51 9.53 2.90
N ILE A 198 5.03 8.28 2.78
CA ILE A 198 4.24 7.64 3.84
C ILE A 198 5.05 7.53 5.12
N TYR A 199 6.34 7.26 4.99
CA TYR A 199 7.21 7.09 6.15
C TYR A 199 7.54 8.44 6.78
N ARG A 200 7.75 9.46 5.95
CA ARG A 200 7.96 10.82 6.46
C ARG A 200 6.77 11.29 7.29
N GLU A 201 5.56 10.82 6.98
CA GLU A 201 4.39 11.16 7.79
C GLU A 201 4.13 10.18 8.93
N THR A 202 5.11 9.35 9.30
CA THR A 202 4.94 8.40 10.40
C THR A 202 6.06 8.48 11.43
N GLU A 203 6.93 9.48 11.35
CA GLU A 203 8.01 9.64 12.32
C GLU A 203 7.63 10.50 13.51
N LYS A 204 6.79 11.51 13.31
CA LYS A 204 6.45 12.47 14.34
C LYS A 204 5.48 11.87 15.36
N ARG A 205 5.58 12.35 16.59
CA ARG A 205 4.67 11.94 17.65
C ARG A 205 3.34 12.67 17.51
N THR A 206 2.39 12.36 18.38
CA THR A 206 1.06 12.96 18.31
C THR A 206 1.12 14.42 18.76
N ASN A 207 0.81 15.33 17.84
CA ASN A 207 0.85 16.76 18.13
C ASN A 207 -0.26 17.44 17.35
N ILE A 208 -0.18 18.77 17.27
CA ILE A 208 -1.21 19.54 16.56
C ILE A 208 -1.05 19.34 15.05
N PHE A 209 0.20 19.26 14.59
CA PHE A 209 0.48 19.05 13.17
C PHE A 209 -0.12 17.74 12.68
N GLU A 210 0.12 16.65 13.42
CA GLU A 210 -0.43 15.36 13.02
C GLU A 210 -1.96 15.33 13.11
N MET A 211 -2.54 16.04 14.09
CA MET A 211 -3.99 16.12 14.18
C MET A 211 -4.59 16.79 12.95
N LEU A 212 -4.08 17.97 12.60
CA LEU A 212 -4.61 18.67 11.44
C LEU A 212 -4.22 17.99 10.13
N ARG A 213 -3.18 17.14 10.14
CA ARG A 213 -2.87 16.35 8.95
C ARG A 213 -3.84 15.19 8.77
N ILE A 214 -4.19 14.50 9.87
CA ILE A 214 -5.24 13.48 9.82
C ILE A 214 -6.55 14.09 9.32
N ASP A 215 -6.94 15.24 9.89
CA ASP A 215 -8.21 15.84 9.50
C ASP A 215 -8.12 16.47 8.11
N GLU A 216 -7.04 17.19 7.82
CA GLU A 216 -6.83 17.82 6.52
C GLU A 216 -5.50 17.31 5.96
N GLY A 217 -5.57 16.42 4.97
CA GLY A 217 -4.36 15.80 4.44
C GLY A 217 -3.37 16.80 3.87
N LEU A 218 -2.14 16.32 3.69
CA LEU A 218 -1.04 17.14 3.21
C LEU A 218 -0.83 16.87 1.73
N ARG A 219 -0.90 17.92 0.92
CA ARG A 219 -0.73 17.84 -0.52
C ARG A 219 0.45 18.72 -0.93
N LEU A 220 1.35 18.16 -1.74
CA LEU A 220 2.53 18.87 -2.19
C LEU A 220 2.27 19.77 -3.39
N LYS A 221 1.18 19.53 -4.12
CA LYS A 221 0.84 20.29 -5.30
C LYS A 221 -0.46 21.05 -5.09
N ILE A 222 -0.59 22.17 -5.78
CA ILE A 222 -1.79 23.00 -5.65
C ILE A 222 -2.99 22.26 -6.22
N TYR A 223 -4.08 22.27 -5.47
CA TYR A 223 -5.27 21.52 -5.84
C TYR A 223 -6.51 22.38 -5.60
N LYS A 224 -7.64 21.89 -6.10
CA LYS A 224 -8.92 22.53 -5.90
C LYS A 224 -9.62 21.85 -4.73
N ASP A 225 -10.08 22.65 -3.77
CA ASP A 225 -10.72 22.14 -2.56
C ASP A 225 -12.15 21.69 -2.91
N THR A 226 -12.96 21.43 -1.88
CA THR A 226 -14.34 21.04 -2.12
C THR A 226 -15.14 22.19 -2.73
N GLU A 227 -14.84 23.43 -2.33
CA GLU A 227 -15.50 24.61 -2.88
C GLU A 227 -14.89 25.07 -4.20
N GLY A 228 -13.78 24.47 -4.62
CA GLY A 228 -13.15 24.81 -5.89
C GLY A 228 -12.03 25.83 -5.81
N TYR A 229 -11.70 26.33 -4.63
CA TYR A 229 -10.64 27.33 -4.52
C TYR A 229 -9.28 26.66 -4.50
N TYR A 230 -8.26 27.43 -4.88
CA TYR A 230 -6.89 26.94 -4.95
C TYR A 230 -6.30 26.82 -3.55
N THR A 231 -6.31 25.60 -3.02
CA THR A 231 -5.71 25.29 -1.74
C THR A 231 -4.49 24.40 -1.95
N ILE A 232 -3.62 24.36 -0.94
CA ILE A 232 -2.41 23.56 -1.00
C ILE A 232 -1.96 23.27 0.44
N GLY A 233 -1.15 22.25 0.62
CA GLY A 233 -0.64 21.86 1.93
C GLY A 233 -1.68 21.30 2.87
N ILE A 234 -1.85 21.95 4.02
CA ILE A 234 -2.82 21.51 5.02
C ILE A 234 -3.99 22.51 5.04
N GLY A 235 -4.76 22.50 3.95
CA GLY A 235 -5.89 23.40 3.79
C GLY A 235 -5.53 24.87 3.85
N HIS A 236 -4.62 25.29 2.98
CA HIS A 236 -4.10 26.66 2.98
C HIS A 236 -4.28 27.25 1.60
N LEU A 237 -4.71 28.51 1.55
CA LEU A 237 -4.93 29.18 0.27
C LEU A 237 -4.43 30.61 0.30
N THR A 264 4.04 24.94 -3.87
CA THR A 264 4.52 23.60 -4.18
C THR A 264 5.90 23.38 -3.58
N LYS A 265 5.94 22.77 -2.40
CA LYS A 265 7.19 22.46 -1.72
C LYS A 265 6.95 21.25 -0.81
N ASP A 266 7.98 20.90 -0.03
CA ASP A 266 7.89 19.80 0.91
C ASP A 266 7.94 20.22 2.37
N GLU A 267 8.44 21.41 2.67
CA GLU A 267 8.54 21.89 4.04
C GLU A 267 7.42 22.91 4.28
N ALA A 268 6.23 22.38 4.48
CA ALA A 268 5.06 23.19 4.81
C ALA A 268 4.88 23.37 6.31
N GLU A 269 5.83 22.85 7.10
CA GLU A 269 5.75 22.95 8.56
C GLU A 269 5.78 24.41 9.01
N LYS A 270 6.65 25.23 8.41
CA LYS A 270 6.67 26.65 8.74
C LYS A 270 5.39 27.35 8.30
N LEU A 271 4.87 26.97 7.13
CA LEU A 271 3.57 27.48 6.69
C LEU A 271 2.46 27.08 7.65
N PHE A 272 2.51 25.85 8.15
CA PHE A 272 1.54 25.38 9.12
C PHE A 272 1.64 26.16 10.42
N ASN A 273 2.88 26.43 10.86
CA ASN A 273 3.09 27.23 12.07
C ASN A 273 2.55 28.64 11.88
N GLN A 274 2.76 29.23 10.71
CA GLN A 274 2.23 30.57 10.45
C GLN A 274 0.70 30.57 10.46
N ASP A 275 0.08 29.53 9.90
CA ASP A 275 -1.37 29.45 9.91
C ASP A 275 -1.94 29.24 11.31
N VAL A 276 -1.30 28.38 12.12
CA VAL A 276 -1.82 28.19 13.48
C VAL A 276 -1.51 29.41 14.34
N ASP A 277 -0.43 30.13 14.06
CA ASP A 277 -0.15 31.40 14.74
C ASP A 277 -1.25 32.41 14.44
N ALA A 278 -1.61 32.54 13.15
CA ALA A 278 -2.70 33.43 12.77
C ALA A 278 -4.03 32.99 13.37
N ALA A 279 -4.24 31.68 13.49
CA ALA A 279 -5.46 31.16 14.09
C ALA A 279 -5.54 31.51 15.58
N VAL A 280 -4.44 31.34 16.32
CA VAL A 280 -4.41 31.72 17.73
C VAL A 280 -4.62 33.21 17.89
N ARG A 281 -3.98 34.02 17.04
CA ARG A 281 -4.13 35.46 17.11
C ARG A 281 -5.56 35.90 16.78
N GLY A 282 -6.23 35.20 15.87
CA GLY A 282 -7.62 35.51 15.57
C GLY A 282 -8.59 35.05 16.65
N ILE A 283 -8.28 33.93 17.32
CA ILE A 283 -9.12 33.47 18.41
C ILE A 283 -9.01 34.40 19.62
N LEU A 284 -7.78 34.80 19.95
CA LEU A 284 -7.57 35.71 21.08
C LEU A 284 -8.17 37.10 20.84
N ARG A 285 -8.48 37.45 19.60
CA ARG A 285 -9.12 38.72 19.26
C ARG A 285 -10.57 38.52 18.86
N ASN A 286 -11.26 37.58 19.53
CA ASN A 286 -12.66 37.29 19.27
C ASN A 286 -13.40 37.27 20.60
N ALA A 287 -14.54 37.97 20.66
CA ALA A 287 -15.25 38.14 21.93
C ALA A 287 -15.80 36.82 22.47
N LYS A 288 -16.33 35.96 21.59
CA LYS A 288 -16.89 34.70 22.04
C LYS A 288 -15.84 33.60 22.21
N LEU A 289 -14.66 33.75 21.62
CA LEU A 289 -13.65 32.69 21.63
C LEU A 289 -12.54 32.90 22.65
N LYS A 290 -12.35 34.14 23.14
CA LYS A 290 -11.23 34.40 24.05
C LYS A 290 -11.43 33.79 25.44
N PRO A 291 -12.58 33.96 26.13
CA PRO A 291 -12.67 33.34 27.48
C PRO A 291 -12.60 31.83 27.46
N VAL A 292 -13.27 31.19 26.51
CA VAL A 292 -13.21 29.73 26.40
C VAL A 292 -11.80 29.27 26.04
N TYR A 293 -11.11 30.00 25.13
CA TYR A 293 -9.75 29.61 24.77
C TYR A 293 -8.80 29.76 25.96
N ASP A 294 -9.00 30.80 26.77
CA ASP A 294 -8.19 30.97 27.96
C ASP A 294 -8.50 29.95 29.05
N SER A 295 -9.70 29.36 29.04
CA SER A 295 -10.06 28.42 30.09
C SER A 295 -9.77 26.96 29.75
N LEU A 296 -9.49 26.64 28.49
CA LEU A 296 -9.36 25.26 28.08
C LEU A 296 -7.93 24.73 28.21
N ASP A 297 -7.82 23.42 28.24
CA ASP A 297 -6.54 22.73 28.24
C ASP A 297 -5.84 22.94 26.89
N ALA A 298 -4.54 22.61 26.85
CA ALA A 298 -3.77 22.71 25.61
C ALA A 298 -4.35 21.82 24.52
N VAL A 299 -4.74 20.60 24.87
CA VAL A 299 -5.37 19.69 23.90
C VAL A 299 -6.71 20.26 23.42
N ARG A 300 -7.47 20.85 24.33
CA ARG A 300 -8.75 21.43 23.94
C ARG A 300 -8.57 22.74 23.17
N ARG A 301 -7.51 23.49 23.45
CA ARG A 301 -7.17 24.63 22.60
C ARG A 301 -6.80 24.15 21.21
N ALA A 302 -6.13 23.00 21.11
CA ALA A 302 -5.82 22.41 19.81
C ALA A 302 -7.09 22.00 19.07
N ALA A 303 -8.07 21.46 19.79
CA ALA A 303 -9.35 21.12 19.17
C ALA A 303 -10.08 22.37 18.68
N LEU A 304 -10.03 23.46 19.47
CA LEU A 304 -10.64 24.72 19.05
C LEU A 304 -9.95 25.28 17.81
N ILE A 305 -8.61 25.18 17.74
CA ILE A 305 -7.88 25.60 16.56
C ILE A 305 -8.22 24.73 15.35
N ASN A 306 -8.48 23.44 15.59
CA ASN A 306 -8.92 22.55 14.51
C ASN A 306 -10.27 22.99 13.95
N MET A 307 -11.21 23.32 14.85
CA MET A 307 -12.51 23.81 14.38
C MET A 307 -12.38 25.15 13.64
N VAL A 308 -11.47 26.02 14.09
CA VAL A 308 -11.25 27.28 13.39
C VAL A 308 -10.64 27.02 12.01
N PHE A 309 -9.74 26.05 11.91
CA PHE A 309 -9.18 25.67 10.62
C PHE A 309 -10.27 25.16 9.68
N GLN A 310 -11.22 24.38 10.20
CA GLN A 310 -12.25 23.81 9.34
C GLN A 310 -13.27 24.86 8.91
N MET A 311 -13.78 25.65 9.86
CA MET A 311 -14.86 26.60 9.61
C MET A 311 -14.39 28.05 9.61
N GLY A 312 -13.67 28.48 10.64
CA GLY A 312 -13.25 29.86 10.80
C GLY A 312 -13.67 30.42 12.14
N GLU A 313 -13.23 31.65 12.39
CA GLU A 313 -13.54 32.30 13.65
C GLU A 313 -15.04 32.57 13.78
N THR A 314 -15.68 32.98 12.68
CA THR A 314 -17.11 33.25 12.70
C THR A 314 -17.92 31.97 12.92
N GLY A 315 -17.54 30.90 12.21
CA GLY A 315 -18.22 29.63 12.37
C GLY A 315 -18.16 29.10 13.78
N VAL A 316 -16.95 29.11 14.37
CA VAL A 316 -16.80 28.63 15.74
C VAL A 316 -17.50 29.57 16.71
N ALA A 317 -17.53 30.87 16.41
CA ALA A 317 -18.27 31.83 17.22
C ALA A 317 -19.77 31.57 17.20
N GLY A 318 -20.27 30.89 16.17
CA GLY A 318 -21.68 30.53 16.12
C GLY A 318 -22.11 29.49 17.13
N PHE A 319 -21.17 28.77 17.75
CA PHE A 319 -21.47 27.75 18.75
C PHE A 319 -21.43 28.34 20.18
N THR A 320 -22.24 29.39 20.41
CA THR A 320 -22.23 30.08 21.69
C THR A 320 -22.61 29.17 22.86
N ASN A 321 -23.63 28.32 22.67
CA ASN A 321 -24.05 27.38 23.70
C ASN A 321 -22.94 26.40 24.05
N SER A 322 -22.33 25.78 23.03
CA SER A 322 -21.26 24.81 23.28
C SER A 322 -20.02 25.47 23.86
N LEU A 323 -19.73 26.71 23.45
CA LEU A 323 -18.58 27.42 24.02
C LEU A 323 -18.80 27.70 25.49
N ARG A 324 -20.02 28.11 25.88
CA ARG A 324 -20.29 28.34 27.29
C ARG A 324 -20.30 27.03 28.09
N MET A 325 -20.70 25.91 27.45
CA MET A 325 -20.62 24.62 28.13
C MET A 325 -19.18 24.17 28.33
N LEU A 326 -18.31 24.46 27.35
CA LEU A 326 -16.91 24.05 27.47
C LEU A 326 -16.17 24.93 28.48
N GLN A 327 -16.49 26.23 28.51
CA GLN A 327 -15.86 27.12 29.49
C GLN A 327 -16.24 26.75 30.92
N GLN A 328 -17.40 26.14 31.12
CA GLN A 328 -17.84 25.72 32.45
C GLN A 328 -17.42 24.30 32.79
N LYS A 329 -16.46 23.73 32.05
CA LYS A 329 -15.89 22.40 32.28
C LYS A 329 -16.93 21.27 32.20
N ARG A 330 -18.06 21.51 31.54
CA ARG A 330 -19.08 20.48 31.34
C ARG A 330 -18.75 19.76 30.04
N TRP A 331 -17.94 18.71 30.14
CA TRP A 331 -17.43 18.04 28.94
C TRP A 331 -18.49 17.16 28.28
N ASP A 332 -19.21 16.35 29.07
CA ASP A 332 -20.21 15.47 28.51
C ASP A 332 -21.38 16.24 27.90
N GLU A 333 -21.82 17.30 28.59
CA GLU A 333 -22.91 18.12 28.07
C GLU A 333 -22.52 18.81 26.77
N ALA A 334 -21.30 19.37 26.71
CA ALA A 334 -20.83 20.01 25.49
C ALA A 334 -20.66 19.00 24.36
N ALA A 335 -20.23 17.78 24.69
CA ALA A 335 -20.06 16.74 23.68
C ALA A 335 -21.40 16.34 23.06
N VAL A 336 -22.41 16.09 23.91
CA VAL A 336 -23.73 15.73 23.40
C VAL A 336 -24.41 16.93 22.73
N ASN A 337 -24.01 18.15 23.06
CA ASN A 337 -24.57 19.31 22.38
C ASN A 337 -23.92 19.51 21.01
N LEU A 338 -22.63 19.24 20.90
CA LEU A 338 -21.93 19.37 19.62
C LEU A 338 -22.30 18.24 18.66
N ALA A 339 -22.72 17.09 19.19
CA ALA A 339 -23.12 15.98 18.31
C ALA A 339 -24.44 16.24 17.59
N LYS A 340 -25.13 17.34 17.87
CA LYS A 340 -26.42 17.68 17.26
C LYS A 340 -26.32 18.87 16.30
N SER A 341 -25.20 19.03 15.61
CA SER A 341 -24.98 20.17 14.73
C SER A 341 -24.71 19.73 13.30
N ARG A 342 -24.72 20.71 12.38
CA ARG A 342 -24.38 20.44 10.99
C ARG A 342 -22.94 20.00 10.85
N TRP A 343 -22.08 20.47 11.76
CA TRP A 343 -20.67 20.10 11.76
C TRP A 343 -20.48 18.61 12.00
N TYR A 344 -21.34 17.99 12.81
CA TYR A 344 -21.23 16.56 13.07
C TYR A 344 -21.71 15.73 11.89
N ASN A 345 -22.65 16.25 11.09
CA ASN A 345 -23.20 15.50 9.97
C ASN A 345 -22.40 15.68 8.69
N GLN A 346 -21.78 16.84 8.49
CA GLN A 346 -20.94 17.05 7.32
C GLN A 346 -19.75 16.10 7.32
N THR A 347 -18.97 16.10 8.41
CA THR A 347 -17.83 15.21 8.56
C THR A 347 -17.99 14.44 9.87
N PRO A 348 -18.48 13.20 9.84
CA PRO A 348 -18.70 12.44 11.08
C PRO A 348 -17.42 12.08 11.83
N ASN A 349 -16.40 11.60 11.12
CA ASN A 349 -15.18 11.12 11.77
C ASN A 349 -14.41 12.25 12.41
N ARG A 350 -14.20 13.35 11.66
CA ARG A 350 -13.43 14.48 12.17
C ARG A 350 -14.13 15.13 13.37
N ALA A 351 -15.46 15.30 13.27
CA ALA A 351 -16.22 15.84 14.39
C ALA A 351 -16.17 14.92 15.59
N LYS A 352 -16.22 13.59 15.36
CA LYS A 352 -16.14 12.64 16.47
C LYS A 352 -14.80 12.72 17.17
N ARG A 353 -13.72 12.86 16.42
CA ARG A 353 -12.39 13.00 17.02
C ARG A 353 -12.27 14.29 17.83
N VAL A 354 -12.71 15.41 17.26
CA VAL A 354 -12.63 16.70 17.96
C VAL A 354 -13.50 16.67 19.23
N ILE A 355 -14.69 16.07 19.15
CA ILE A 355 -15.58 16.00 20.30
C ILE A 355 -14.99 15.09 21.37
N THR A 356 -14.36 13.98 20.98
CA THR A 356 -13.69 13.13 21.94
C THR A 356 -12.53 13.85 22.62
N THR A 357 -11.83 14.71 21.87
CA THR A 357 -10.75 15.50 22.47
C THR A 357 -11.29 16.50 23.49
N PHE A 358 -12.38 17.19 23.16
CA PHE A 358 -13.04 18.07 24.12
C PHE A 358 -13.52 17.30 25.35
N ARG A 359 -14.08 16.11 25.13
CA ARG A 359 -14.75 15.36 26.18
C ARG A 359 -13.75 14.71 27.15
N THR A 360 -12.60 14.27 26.63
CA THR A 360 -11.60 13.58 27.44
C THR A 360 -10.40 14.45 27.78
N GLY A 361 -10.02 15.37 26.89
CA GLY A 361 -8.78 16.10 27.09
C GLY A 361 -7.54 15.29 26.83
N THR A 362 -7.63 14.29 25.95
CA THR A 362 -6.51 13.43 25.60
C THR A 362 -6.34 13.43 24.08
N TRP A 363 -5.25 12.82 23.63
CA TRP A 363 -4.96 12.64 22.21
C TRP A 363 -5.41 11.29 21.66
N ASP A 364 -6.10 10.48 22.47
CA ASP A 364 -6.33 9.07 22.17
C ASP A 364 -7.06 8.87 20.84
N ALA A 365 -8.00 9.77 20.52
CA ALA A 365 -8.75 9.67 19.27
C ALA A 365 -7.85 9.80 18.05
N TYR A 366 -6.72 10.51 18.20
CA TYR A 366 -5.78 10.69 17.10
C TYR A 366 -4.58 9.76 17.22
N ARG A 367 -4.21 9.41 18.46
CA ARG A 367 -3.24 8.33 18.72
C ARG A 367 -3.65 7.04 18.04
N VAL A 368 -4.95 6.74 18.03
CA VAL A 368 -5.41 5.46 17.46
C VAL A 368 -5.17 5.45 15.94
N VAL A 369 -5.52 6.54 15.27
CA VAL A 369 -5.30 6.65 13.84
C VAL A 369 -3.81 6.62 13.52
N LEU A 370 -2.98 7.27 14.37
CA LEU A 370 -1.54 7.28 14.12
C LEU A 370 -0.92 5.89 14.24
N VAL A 371 -1.30 5.11 15.26
CA VAL A 371 -0.72 3.79 15.38
C VAL A 371 -1.25 2.86 14.28
N LYS A 372 -2.52 3.03 13.86
CA LYS A 372 -3.03 2.27 12.72
C LYS A 372 -2.24 2.55 11.45
N GLU A 373 -1.94 3.83 11.18
CA GLU A 373 -1.19 4.18 9.99
C GLU A 373 0.26 3.70 10.07
N ARG A 374 0.85 3.74 11.26
CA ARG A 374 2.21 3.22 11.44
C ARG A 374 2.28 1.72 11.18
N LYS A 375 1.26 0.97 11.64
CA LYS A 375 1.22 -0.47 11.39
C LYS A 375 1.07 -0.78 9.90
N ALA A 376 0.16 -0.06 9.23
CA ALA A 376 0.02 -0.19 7.78
C ALA A 376 1.34 0.09 7.06
N ALA A 377 2.08 1.11 7.53
CA ALA A 377 3.33 1.48 6.89
C ALA A 377 4.39 0.39 7.07
N GLN A 378 4.46 -0.21 8.27
CA GLN A 378 5.42 -1.30 8.50
C GLN A 378 5.11 -2.50 7.61
N THR A 379 3.83 -2.85 7.47
CA THR A 379 3.43 -3.95 6.58
C THR A 379 3.83 -3.66 5.14
N LEU A 380 3.53 -2.45 4.65
CA LEU A 380 3.92 -2.03 3.31
C LEU A 380 5.42 -2.13 3.11
N SER A 381 6.22 -1.67 4.08
CA SER A 381 7.67 -1.70 3.95
C SER A 381 8.17 -3.13 3.86
N ALA A 382 7.58 -4.04 4.65
CA ALA A 382 8.00 -5.44 4.63
C ALA A 382 7.73 -6.07 3.26
N ILE A 383 6.52 -5.87 2.70
CA ILE A 383 6.22 -6.50 1.41
C ILE A 383 7.04 -5.85 0.28
N LEU A 384 7.26 -4.54 0.34
CA LEU A 384 8.09 -3.87 -0.66
C LEU A 384 9.53 -4.36 -0.62
N LEU A 385 10.11 -4.51 0.58
CA LEU A 385 11.47 -5.00 0.68
C LEU A 385 11.60 -6.43 0.19
N ALA A 386 10.63 -7.29 0.54
CA ALA A 386 10.63 -8.66 0.02
C ALA A 386 10.66 -8.68 -1.50
N PHE A 387 9.77 -7.89 -2.12
CA PHE A 387 9.72 -7.78 -3.58
C PHE A 387 11.04 -7.31 -4.17
N ILE A 388 11.57 -6.20 -3.65
CA ILE A 388 12.76 -5.58 -4.23
C ILE A 388 13.97 -6.48 -4.07
N ILE A 389 14.14 -7.09 -2.90
CA ILE A 389 15.29 -7.96 -2.65
C ILE A 389 15.24 -9.21 -3.52
N THR A 390 14.05 -9.83 -3.66
CA THR A 390 13.98 -11.06 -4.44
C THR A 390 14.09 -10.80 -5.94
N TRP A 391 13.61 -9.65 -6.43
CA TRP A 391 13.61 -9.41 -7.88
C TRP A 391 14.79 -8.60 -8.38
N THR A 392 15.57 -7.97 -7.50
CA THR A 392 16.68 -7.14 -7.96
C THR A 392 17.78 -7.89 -8.72
N PRO A 393 18.24 -9.11 -8.32
CA PRO A 393 19.30 -9.77 -9.12
C PRO A 393 18.93 -10.04 -10.56
N TYR A 394 17.72 -10.55 -10.83
CA TYR A 394 17.30 -10.81 -12.21
C TYR A 394 17.33 -9.54 -13.07
N ASN A 395 16.82 -8.44 -12.54
CA ASN A 395 16.77 -7.22 -13.34
C ASN A 395 18.13 -6.55 -13.47
N ILE A 396 19.01 -6.70 -12.46
CA ILE A 396 20.40 -6.28 -12.63
C ILE A 396 21.08 -7.11 -13.72
N MET A 397 20.79 -8.42 -13.76
CA MET A 397 21.30 -9.26 -14.84
C MET A 397 20.80 -8.77 -16.20
N VAL A 398 19.53 -8.36 -16.27
CA VAL A 398 18.99 -7.79 -17.50
C VAL A 398 19.76 -6.53 -17.91
N LEU A 399 20.03 -5.64 -16.94
CA LEU A 399 20.81 -4.43 -17.20
C LEU A 399 22.21 -4.75 -17.72
N VAL A 400 22.88 -5.70 -17.06
CA VAL A 400 24.25 -6.08 -17.44
C VAL A 400 24.24 -6.71 -18.84
N SER A 401 23.26 -7.57 -19.11
CA SER A 401 23.14 -8.19 -20.43
C SER A 401 22.83 -7.15 -21.50
N THR A 402 22.18 -6.05 -21.12
CA THR A 402 22.02 -4.94 -22.05
C THR A 402 23.36 -4.27 -22.33
N PHE A 403 24.20 -4.11 -21.31
CA PHE A 403 25.50 -3.48 -21.49
C PHE A 403 26.63 -4.50 -21.66
N CYS A 404 26.34 -5.63 -22.30
CA CYS A 404 27.35 -6.60 -22.71
C CYS A 404 26.76 -7.44 -23.84
N ASP A 405 27.43 -8.54 -24.17
CA ASP A 405 27.02 -9.42 -25.27
C ASP A 405 26.94 -10.85 -24.74
N LYS A 406 25.79 -11.20 -24.14
CA LYS A 406 25.50 -12.53 -23.62
C LYS A 406 26.54 -12.97 -22.58
N CYS A 407 26.96 -12.04 -21.73
CA CYS A 407 27.99 -12.33 -20.74
C CYS A 407 27.44 -12.99 -19.48
N VAL A 408 26.14 -12.85 -19.20
CA VAL A 408 25.52 -13.45 -18.02
C VAL A 408 25.23 -14.92 -18.28
N PRO A 409 25.88 -15.84 -17.57
CA PRO A 409 25.63 -17.27 -17.81
C PRO A 409 24.22 -17.70 -17.42
N VAL A 410 23.79 -18.80 -18.04
CA VAL A 410 22.43 -19.32 -17.85
C VAL A 410 22.19 -19.80 -16.43
N THR A 411 23.26 -20.21 -15.72
CA THR A 411 23.15 -20.57 -14.32
C THR A 411 22.65 -19.39 -13.48
N LEU A 412 23.19 -18.19 -13.75
CA LEU A 412 22.76 -16.99 -13.04
C LEU A 412 21.32 -16.61 -13.41
N TRP A 413 20.96 -16.74 -14.69
CA TRP A 413 19.58 -16.49 -15.11
C TRP A 413 18.61 -17.38 -14.34
N HIS A 414 18.93 -18.68 -14.25
CA HIS A 414 18.09 -19.62 -13.51
C HIS A 414 17.98 -19.22 -12.04
N LEU A 415 19.11 -18.86 -11.43
CA LEU A 415 19.10 -18.48 -10.01
C LEU A 415 18.26 -17.22 -9.78
N GLY A 416 18.39 -16.22 -10.67
CA GLY A 416 17.59 -15.01 -10.52
C GLY A 416 16.10 -15.25 -10.71
N TYR A 417 15.74 -16.09 -11.69
CA TYR A 417 14.35 -16.48 -11.91
C TYR A 417 13.75 -17.13 -10.66
N TRP A 418 14.44 -18.16 -10.14
CA TRP A 418 13.98 -18.82 -8.93
C TRP A 418 13.93 -17.86 -7.75
N LEU A 419 14.89 -16.94 -7.65
CA LEU A 419 14.88 -15.95 -6.57
C LEU A 419 13.63 -15.07 -6.64
N CYS A 420 13.23 -14.65 -7.84
CA CYS A 420 11.98 -13.92 -7.99
C CYS A 420 10.78 -14.75 -7.54
N TYR A 421 10.81 -16.07 -7.81
CA TYR A 421 9.78 -16.95 -7.25
C TYR A 421 9.72 -16.87 -5.72
N VAL A 422 10.89 -16.78 -5.06
CA VAL A 422 10.97 -16.83 -3.59
C VAL A 422 10.18 -15.68 -2.90
N ASN A 423 9.88 -14.60 -3.64
CA ASN A 423 9.01 -13.53 -3.14
C ASN A 423 7.68 -14.08 -2.64
N SER A 424 7.09 -14.97 -3.46
CA SER A 424 5.81 -15.59 -3.11
C SER A 424 5.90 -16.45 -1.86
N THR A 425 7.09 -16.97 -1.57
CA THR A 425 7.29 -17.76 -0.35
C THR A 425 7.42 -16.86 0.86
N VAL A 426 8.09 -15.72 0.71
CA VAL A 426 8.41 -14.88 1.87
C VAL A 426 7.27 -13.93 2.25
N ASN A 427 6.40 -13.59 1.30
CA ASN A 427 5.31 -12.64 1.59
C ASN A 427 4.39 -13.03 2.76
N PRO A 428 3.93 -14.28 2.92
CA PRO A 428 3.15 -14.60 4.14
C PRO A 428 3.95 -14.48 5.43
N ILE A 429 5.25 -14.75 5.39
CA ILE A 429 6.10 -14.51 6.56
C ILE A 429 6.18 -13.01 6.87
N CYS A 430 6.15 -12.16 5.83
CA CYS A 430 6.04 -10.72 6.04
C CYS A 430 4.77 -10.38 6.79
N TYR A 431 3.63 -10.91 6.32
CA TYR A 431 2.36 -10.67 7.03
C TYR A 431 2.43 -11.14 8.47
N ALA A 432 3.09 -12.27 8.73
CA ALA A 432 3.18 -12.81 10.08
C ALA A 432 4.12 -12.00 10.97
N LEU A 433 5.10 -11.31 10.38
CA LEU A 433 6.08 -10.59 11.19
C LEU A 433 5.71 -9.14 11.46
N CYS A 434 4.75 -8.58 10.74
CA CYS A 434 4.45 -7.15 10.85
C CYS A 434 2.97 -6.86 11.06
N ASN A 435 2.13 -7.87 11.25
CA ASN A 435 0.71 -7.67 11.54
C ASN A 435 0.34 -8.60 12.68
N ARG A 436 0.08 -8.02 13.86
CA ARG A 436 -0.24 -8.82 15.03
C ARG A 436 -1.56 -9.58 14.88
N THR A 437 -2.50 -9.04 14.09
CA THR A 437 -3.76 -9.76 13.85
C THR A 437 -3.52 -10.99 12.99
N PHE A 438 -2.75 -10.84 11.91
CA PHE A 438 -2.35 -11.98 11.10
C PHE A 438 -1.55 -12.99 11.93
N ARG A 439 -0.65 -12.51 12.78
CA ARG A 439 0.17 -13.41 13.58
C ARG A 439 -0.68 -14.20 14.57
N LYS A 440 -1.64 -13.52 15.22
CA LYS A 440 -2.55 -14.19 16.15
C LYS A 440 -3.43 -15.21 15.43
N THR A 441 -3.97 -14.85 14.27
CA THR A 441 -4.81 -15.78 13.52
C THR A 441 -4.00 -16.98 13.03
N PHE A 442 -2.74 -16.75 12.62
CA PHE A 442 -1.87 -17.84 12.21
C PHE A 442 -1.60 -18.80 13.36
N LYS A 443 -1.28 -18.25 14.54
CA LYS A 443 -1.03 -19.10 15.69
C LYS A 443 -2.28 -19.86 16.13
N MET A 444 -3.46 -19.24 15.97
CA MET A 444 -4.72 -19.93 16.28
C MET A 444 -4.96 -21.07 15.31
N LEU A 445 -4.65 -20.86 14.03
CA LEU A 445 -4.89 -21.91 13.03
C LEU A 445 -3.89 -23.05 13.19
N LEU A 446 -2.61 -22.72 13.40
CA LEU A 446 -1.58 -23.75 13.53
C LEU A 446 -1.79 -24.60 14.79
N LEU A 447 -1.98 -23.96 15.94
CA LEU A 447 -2.25 -24.71 17.16
C LEU A 447 -3.65 -25.33 17.19
N CYS A 448 -4.52 -24.98 16.22
CA CYS A 448 -5.90 -25.45 16.13
C CYS A 448 -6.69 -25.08 17.39
N ARG A 449 -6.66 -23.79 17.73
CA ARG A 449 -7.41 -23.26 18.86
C ARG A 449 -8.82 -22.86 18.44
#